data_9GX8
#
_entry.id   9GX8
#
_cell.length_a   164.287
_cell.length_b   43.131
_cell.length_c   75.691
_cell.angle_alpha   90.000
_cell.angle_beta   115.959
_cell.angle_gamma   90.000
#
_symmetry.space_group_name_H-M   'C 1 2 1'
#
loop_
_entity.id
_entity.type
_entity.pdbx_description
1 polymer 'Metallo-beta-lactamase type 2'
2 non-polymer 'ZINC ION'
3 non-polymer (4S)-2-METHYL-2,4-PENTANEDIOL
4 non-polymer 'CHLORIDE ION'
5 non-polymer 'ISOPROPYL ALCOHOL'
6 non-polymer R-1,2-PROPANEDIOL
7 water water
#
_entity_poly.entity_id   1
_entity_poly.type   'polypeptide(L)'
_entity_poly.pdbx_seq_one_letter_code
;SPKKADYFKAKEVYNSSELIITQISENAFVHTSFKQTNDFGNVPCNGLVVKSNNEALVFDTPVNDKTSEELIKWINGTLH
SKINAVVPTHFHDDSMGGLQAFHNHHIPSYAYSKTIELAKENNFTVPENNFKDSVVLKAGHKKAIAKFFGEGHTKDNVVG
YLSEEHILFGGCLLKELEAGKGYLGDANVSAWSNTVEKVKKEYPDVKIVIPGHGEYGDQKLLDYTINLFKTQ
;
_entity_poly.pdbx_strand_id   A,B
#
# COMPACT_ATOMS: atom_id res chain seq x y z
N PHE A 8 11.03 14.77 -13.51
CA PHE A 8 11.56 14.14 -14.72
C PHE A 8 10.69 14.48 -15.92
N LYS A 9 11.30 15.07 -16.94
CA LYS A 9 10.58 15.49 -18.14
C LYS A 9 10.48 14.33 -19.12
N ALA A 10 9.24 14.00 -19.52
CA ALA A 10 9.02 12.89 -20.44
C ALA A 10 9.82 13.10 -21.72
N LYS A 11 10.44 12.02 -22.20
CA LYS A 11 11.29 12.08 -23.38
C LYS A 11 11.00 10.89 -24.25
N GLU A 12 10.65 11.14 -25.51
CA GLU A 12 10.46 10.06 -26.46
C GLU A 12 11.83 9.46 -26.80
N VAL A 13 11.99 8.16 -26.58
CA VAL A 13 13.27 7.49 -26.84
C VAL A 13 13.18 6.47 -27.96
N TYR A 14 11.97 6.17 -28.45
CA TYR A 14 11.79 5.21 -29.53
C TYR A 14 10.50 5.55 -30.25
N ASN A 15 10.51 5.56 -31.58
CA ASN A 15 9.27 5.81 -32.31
C ASN A 15 9.37 5.10 -33.67
N SER A 16 8.66 3.99 -33.79
CA SER A 16 8.54 3.28 -35.07
C SER A 16 7.20 3.50 -35.71
N SER A 17 6.37 4.38 -35.16
CA SER A 17 5.04 4.68 -35.66
C SER A 17 4.04 3.63 -35.17
N GLU A 18 4.43 2.35 -35.18
CA GLU A 18 3.61 1.33 -34.53
C GLU A 18 3.90 1.20 -33.04
N LEU A 19 5.08 1.61 -32.59
CA LEU A 19 5.47 1.53 -31.19
C LEU A 19 6.21 2.80 -30.82
N ILE A 20 5.75 3.46 -29.75
CA ILE A 20 6.38 4.65 -29.21
C ILE A 20 6.77 4.36 -27.78
N ILE A 21 7.99 4.71 -27.39
CA ILE A 21 8.43 4.50 -26.03
C ILE A 21 8.87 5.84 -25.45
N THR A 22 8.35 6.18 -24.28
CA THR A 22 8.56 7.47 -23.64
C THR A 22 9.15 7.22 -22.27
N GLN A 23 10.36 7.73 -22.05
CA GLN A 23 10.97 7.60 -20.73
C GLN A 23 10.30 8.59 -19.78
N ILE A 24 9.94 8.12 -18.58
CA ILE A 24 9.22 8.94 -17.62
C ILE A 24 9.91 8.99 -16.27
N SER A 25 10.99 8.22 -16.09
CA SER A 25 11.83 8.30 -14.90
C SER A 25 13.19 7.75 -15.29
N GLU A 26 14.10 7.69 -14.33
CA GLU A 26 15.43 7.17 -14.66
C GLU A 26 15.35 5.73 -15.12
N ASN A 27 14.31 5.00 -14.71
CA ASN A 27 14.25 3.56 -14.89
C ASN A 27 12.95 3.08 -15.52
N ALA A 28 12.04 3.97 -15.89
CA ALA A 28 10.71 3.54 -16.30
C ALA A 28 10.32 4.20 -17.62
N PHE A 29 9.56 3.46 -18.41
CA PHE A 29 9.19 3.90 -19.75
C PHE A 29 7.74 3.54 -19.97
N VAL A 30 7.02 4.41 -20.65
CA VAL A 30 5.67 4.07 -21.13
C VAL A 30 5.82 3.56 -22.56
N HIS A 31 5.22 2.40 -22.85
CA HIS A 31 5.16 1.93 -24.23
C HIS A 31 3.76 2.18 -24.76
N THR A 32 3.67 2.70 -25.98
CA THR A 32 2.40 3.06 -26.59
C THR A 32 2.30 2.40 -27.95
N SER A 33 1.20 1.65 -28.16
CA SER A 33 0.86 1.06 -29.44
C SER A 33 -0.56 1.47 -29.81
N PHE A 34 -1.03 1.06 -30.98
CA PHE A 34 -2.25 1.65 -31.53
C PHE A 34 -3.21 0.56 -31.96
N LYS A 35 -4.47 0.72 -31.58
CA LYS A 35 -5.54 -0.20 -31.92
C LYS A 35 -6.53 0.53 -32.81
N GLN A 36 -6.78 -0.01 -34.00
CA GLN A 36 -7.78 0.58 -34.87
C GLN A 36 -9.17 0.19 -34.42
N THR A 37 -10.05 1.18 -34.28
CA THR A 37 -11.40 0.96 -33.78
C THR A 37 -12.40 1.60 -34.73
N ASN A 38 -13.67 1.24 -34.53
CA ASN A 38 -14.76 1.86 -35.28
C ASN A 38 -15.36 3.04 -34.54
N ASP A 39 -15.44 2.99 -33.21
CA ASP A 39 -16.10 4.02 -32.43
C ASP A 39 -15.16 5.09 -31.90
N PHE A 40 -13.85 4.87 -31.92
CA PHE A 40 -12.92 5.86 -31.38
C PHE A 40 -11.70 6.07 -32.29
N GLY A 41 -11.78 5.67 -33.56
CA GLY A 41 -10.64 5.85 -34.45
C GLY A 41 -9.42 5.05 -33.99
N ASN A 42 -8.24 5.60 -34.29
CA ASN A 42 -6.97 4.93 -33.96
C ASN A 42 -6.58 5.30 -32.53
N VAL A 43 -6.61 4.33 -31.64
CA VAL A 43 -6.55 4.57 -30.20
C VAL A 43 -5.15 4.28 -29.69
N PRO A 44 -4.49 5.21 -28.99
CA PRO A 44 -3.22 4.89 -28.35
C PRO A 44 -3.44 4.10 -27.07
N CYS A 45 -2.58 3.11 -26.85
CA CYS A 45 -2.69 2.16 -25.76
C CYS A 45 -1.37 2.09 -25.01
N ASN A 46 -1.41 2.35 -23.70
CA ASN A 46 -0.21 2.47 -22.89
C ASN A 46 0.07 1.19 -22.09
N GLY A 47 1.36 0.96 -21.85
CA GLY A 47 1.83 0.01 -20.86
C GLY A 47 3.06 0.58 -20.18
N LEU A 48 3.69 -0.18 -19.28
CA LEU A 48 4.81 0.32 -18.50
C LEU A 48 5.97 -0.69 -18.52
N VAL A 49 7.18 -0.18 -18.70
CA VAL A 49 8.41 -0.96 -18.56
C VAL A 49 9.22 -0.38 -17.41
N VAL A 50 9.60 -1.23 -16.45
N VAL A 50 9.66 -1.25 -16.50
CA VAL A 50 10.55 -0.83 -15.42
CA VAL A 50 10.55 -0.86 -15.40
C VAL A 50 11.81 -1.67 -15.58
C VAL A 50 11.81 -1.69 -15.49
N LYS A 51 12.97 -1.03 -15.46
CA LYS A 51 14.26 -1.69 -15.60
C LYS A 51 15.10 -1.46 -14.34
N SER A 52 15.80 -2.52 -13.93
CA SER A 52 16.83 -2.43 -12.89
C SER A 52 17.76 -3.63 -13.02
N ASN A 53 19.06 -3.37 -13.04
CA ASN A 53 20.08 -4.42 -13.01
C ASN A 53 19.95 -5.39 -14.19
N ASN A 54 19.74 -4.84 -15.38
CA ASN A 54 19.55 -5.61 -16.61
C ASN A 54 18.38 -6.59 -16.51
N GLU A 55 17.37 -6.24 -15.71
CA GLU A 55 16.14 -6.99 -15.60
C GLU A 55 14.98 -6.03 -15.77
N ALA A 56 13.83 -6.55 -16.23
CA ALA A 56 12.71 -5.67 -16.55
C ALA A 56 11.40 -6.34 -16.19
N LEU A 57 10.43 -5.51 -15.84
CA LEU A 57 9.04 -5.90 -15.72
C LEU A 57 8.24 -5.14 -16.75
N VAL A 58 7.20 -5.76 -17.28
CA VAL A 58 6.35 -5.11 -18.28
C VAL A 58 4.91 -5.24 -17.83
N PHE A 59 4.24 -4.09 -17.68
CA PHE A 59 2.80 -4.06 -17.44
C PHE A 59 2.12 -3.80 -18.77
N ASP A 60 1.19 -4.69 -19.14
CA ASP A 60 0.48 -4.69 -20.42
C ASP A 60 1.33 -5.09 -21.61
N THR A 61 0.80 -5.96 -22.45
CA THR A 61 1.39 -6.17 -23.75
C THR A 61 0.97 -5.04 -24.68
N PRO A 62 1.81 -4.69 -25.66
CA PRO A 62 1.31 -3.90 -26.79
C PRO A 62 0.12 -4.61 -27.44
N VAL A 63 -0.59 -3.93 -28.33
CA VAL A 63 -1.91 -4.40 -28.76
C VAL A 63 -1.87 -5.73 -29.53
N ASN A 64 -0.75 -6.10 -30.13
CA ASN A 64 -0.70 -7.35 -30.89
C ASN A 64 0.68 -7.97 -30.77
N ASP A 65 0.82 -9.17 -31.35
CA ASP A 65 2.09 -9.90 -31.24
C ASP A 65 3.21 -9.15 -31.93
N LYS A 66 2.93 -8.54 -33.08
CA LYS A 66 3.98 -7.88 -33.85
C LYS A 66 4.64 -6.78 -33.04
N THR A 67 3.84 -5.92 -32.40
N THR A 67 3.84 -5.92 -32.40
CA THR A 67 4.42 -4.83 -31.62
CA THR A 67 4.42 -4.83 -31.62
C THR A 67 4.97 -5.34 -30.29
C THR A 67 4.93 -5.31 -30.26
N SER A 68 4.43 -6.44 -29.77
CA SER A 68 5.01 -7.07 -28.58
C SER A 68 6.41 -7.62 -28.88
N GLU A 69 6.58 -8.30 -30.02
N GLU A 69 6.57 -8.29 -30.02
CA GLU A 69 7.91 -8.70 -30.43
CA GLU A 69 7.91 -8.70 -30.44
C GLU A 69 8.82 -7.48 -30.57
C GLU A 69 8.82 -7.48 -30.57
N GLU A 70 8.30 -6.38 -31.10
CA GLU A 70 9.10 -5.18 -31.26
C GLU A 70 9.56 -4.65 -29.91
N LEU A 71 8.65 -4.62 -28.93
CA LEU A 71 9.01 -4.14 -27.60
C LEU A 71 10.02 -5.07 -26.93
N ILE A 72 9.80 -6.38 -27.05
CA ILE A 72 10.72 -7.35 -26.44
C ILE A 72 12.12 -7.18 -27.02
N LYS A 73 12.22 -7.06 -28.35
CA LYS A 73 13.51 -6.87 -28.98
C LYS A 73 14.18 -5.61 -28.48
N TRP A 74 13.41 -4.56 -28.21
CA TRP A 74 14.00 -3.31 -27.74
C TRP A 74 14.49 -3.44 -26.30
N ILE A 75 13.70 -4.07 -25.45
CA ILE A 75 14.12 -4.25 -24.05
C ILE A 75 15.39 -5.10 -24.00
N ASN A 76 15.41 -6.23 -24.73
CA ASN A 76 16.59 -7.07 -24.77
C ASN A 76 17.78 -6.34 -25.40
N GLY A 77 17.56 -5.74 -26.57
CA GLY A 77 18.66 -5.34 -27.42
C GLY A 77 19.17 -3.93 -27.19
N THR A 78 18.33 -3.07 -26.63
CA THR A 78 18.68 -1.68 -26.34
C THR A 78 18.75 -1.39 -24.85
N LEU A 79 17.82 -1.92 -24.06
CA LEU A 79 17.98 -1.82 -22.61
C LEU A 79 18.84 -2.94 -22.06
N HIS A 80 19.26 -3.89 -22.91
CA HIS A 80 20.14 -4.99 -22.50
C HIS A 80 19.59 -5.71 -21.27
N SER A 81 18.27 -5.89 -21.24
CA SER A 81 17.62 -6.41 -20.05
C SER A 81 16.78 -7.63 -20.38
N LYS A 82 16.86 -8.64 -19.52
N LYS A 82 16.82 -8.61 -19.48
CA LYS A 82 15.89 -9.73 -19.60
CA LYS A 82 15.92 -9.76 -19.51
C LYS A 82 14.58 -9.27 -18.99
C LYS A 82 14.58 -9.36 -18.89
N ILE A 83 13.49 -9.87 -19.46
CA ILE A 83 12.15 -9.52 -18.97
C ILE A 83 11.75 -10.62 -17.98
N ASN A 84 11.65 -10.25 -16.71
CA ASN A 84 11.34 -11.23 -15.67
C ASN A 84 9.87 -11.64 -15.70
N ALA A 85 8.98 -10.76 -16.14
CA ALA A 85 7.56 -11.07 -16.09
C ALA A 85 6.79 -10.04 -16.90
N VAL A 86 5.62 -10.45 -17.39
CA VAL A 86 4.67 -9.55 -18.04
C VAL A 86 3.35 -9.70 -17.32
N VAL A 87 2.68 -8.57 -17.08
CA VAL A 87 1.41 -8.53 -16.37
C VAL A 87 0.39 -7.86 -17.26
N PRO A 88 -0.49 -8.61 -17.92
CA PRO A 88 -1.63 -7.99 -18.60
C PRO A 88 -2.62 -7.48 -17.56
N THR A 89 -2.86 -6.17 -17.54
CA THR A 89 -3.66 -5.64 -16.44
C THR A 89 -5.16 -5.86 -16.63
N HIS A 90 -5.60 -6.27 -17.82
CA HIS A 90 -6.94 -6.85 -17.96
C HIS A 90 -6.99 -7.61 -19.28
N PHE A 91 -8.12 -8.24 -19.55
CA PHE A 91 -8.13 -9.25 -20.61
C PHE A 91 -8.31 -8.68 -22.02
N HIS A 92 -8.69 -7.41 -22.17
CA HIS A 92 -8.85 -6.84 -23.50
C HIS A 92 -7.52 -6.82 -24.26
N ASP A 93 -7.61 -6.72 -25.59
CA ASP A 93 -6.39 -6.85 -26.38
C ASP A 93 -5.44 -5.69 -26.14
N ASP A 94 -5.93 -4.52 -25.69
CA ASP A 94 -4.96 -3.45 -25.50
C ASP A 94 -4.17 -3.58 -24.19
N SER A 95 -4.42 -4.62 -23.40
CA SER A 95 -3.51 -5.03 -22.34
C SER A 95 -2.95 -6.42 -22.52
N MET A 96 -3.58 -7.27 -23.34
CA MET A 96 -3.20 -8.68 -23.39
C MET A 96 -3.08 -9.19 -24.81
N GLY A 97 -3.30 -8.35 -25.83
CA GLY A 97 -3.41 -8.84 -27.20
C GLY A 97 -2.13 -9.42 -27.75
N GLY A 98 -0.99 -9.08 -27.16
CA GLY A 98 0.28 -9.61 -27.63
C GLY A 98 0.88 -10.60 -26.64
N LEU A 99 0.04 -11.23 -25.82
CA LEU A 99 0.58 -12.11 -24.79
C LEU A 99 1.33 -13.29 -25.39
N GLN A 100 0.89 -13.80 -26.53
CA GLN A 100 1.55 -14.98 -27.09
C GLN A 100 3.01 -14.68 -27.44
N ALA A 101 3.31 -13.47 -27.91
CA ALA A 101 4.69 -13.11 -28.20
C ALA A 101 5.56 -13.24 -26.96
N PHE A 102 5.06 -12.79 -25.80
CA PHE A 102 5.82 -12.95 -24.57
C PHE A 102 6.02 -14.43 -24.23
N HIS A 103 4.95 -15.25 -24.35
CA HIS A 103 5.14 -16.67 -24.08
C HIS A 103 6.11 -17.31 -25.06
N ASN A 104 6.14 -16.83 -26.32
CA ASN A 104 7.11 -17.37 -27.27
C ASN A 104 8.54 -17.13 -26.81
N HIS A 105 8.79 -16.08 -26.02
CA HIS A 105 10.10 -15.82 -25.45
C HIS A 105 10.29 -16.44 -24.07
N HIS A 106 9.34 -17.28 -23.64
CA HIS A 106 9.40 -17.95 -22.34
C HIS A 106 9.44 -16.94 -21.20
N ILE A 107 8.76 -15.82 -21.39
CA ILE A 107 8.60 -14.81 -20.34
C ILE A 107 7.36 -15.16 -19.53
N PRO A 108 7.47 -15.36 -18.23
CA PRO A 108 6.29 -15.72 -17.44
C PRO A 108 5.29 -14.58 -17.36
N SER A 109 4.01 -14.93 -17.42
CA SER A 109 2.94 -13.96 -17.31
C SER A 109 2.21 -14.17 -15.99
N TYR A 110 1.79 -13.05 -15.39
CA TYR A 110 1.06 -13.04 -14.14
C TYR A 110 -0.20 -12.22 -14.35
N ALA A 111 -1.32 -12.71 -13.83
CA ALA A 111 -2.56 -11.96 -13.97
C ALA A 111 -3.50 -12.31 -12.84
N TYR A 112 -4.45 -11.41 -12.61
CA TYR A 112 -5.50 -11.64 -11.63
C TYR A 112 -6.35 -12.85 -12.03
N SER A 113 -6.86 -13.54 -11.02
CA SER A 113 -7.66 -14.75 -11.27
C SER A 113 -8.74 -14.48 -12.32
N LYS A 114 -9.44 -13.33 -12.21
CA LYS A 114 -10.53 -13.05 -13.13
C LYS A 114 -10.04 -12.78 -14.55
N THR A 115 -8.83 -12.21 -14.70
CA THR A 115 -8.28 -12.05 -16.04
C THR A 115 -8.07 -13.40 -16.71
N ILE A 116 -7.61 -14.38 -15.95
CA ILE A 116 -7.43 -15.73 -16.48
C ILE A 116 -8.77 -16.37 -16.81
N GLU A 117 -9.77 -16.18 -15.95
CA GLU A 117 -11.10 -16.68 -16.24
C GLU A 117 -11.63 -16.08 -17.54
N LEU A 118 -11.49 -14.77 -17.70
CA LEU A 118 -12.07 -14.12 -18.87
C LEU A 118 -11.24 -14.38 -20.13
N ALA A 119 -9.93 -14.57 -19.99
CA ALA A 119 -9.15 -15.01 -21.14
C ALA A 119 -9.70 -16.33 -21.69
N LYS A 120 -9.92 -17.29 -20.79
CA LYS A 120 -10.44 -18.59 -21.21
C LYS A 120 -11.84 -18.47 -21.81
N GLU A 121 -12.70 -17.68 -21.16
CA GLU A 121 -14.07 -17.54 -21.68
C GLU A 121 -14.05 -17.02 -23.11
N ASN A 122 -13.12 -16.14 -23.43
CA ASN A 122 -13.04 -15.53 -24.75
C ASN A 122 -12.09 -16.25 -25.69
N ASN A 123 -11.49 -17.35 -25.26
CA ASN A 123 -10.51 -18.08 -26.08
C ASN A 123 -9.34 -17.20 -26.47
N PHE A 124 -8.91 -16.37 -25.53
CA PHE A 124 -7.71 -15.54 -25.66
C PHE A 124 -6.50 -16.29 -25.09
N THR A 125 -5.31 -15.76 -25.38
CA THR A 125 -4.10 -16.29 -24.75
C THR A 125 -4.24 -16.17 -23.23
N VAL A 126 -3.81 -17.21 -22.53
CA VAL A 126 -4.11 -17.37 -21.10
C VAL A 126 -2.86 -17.04 -20.28
N PRO A 127 -2.91 -16.05 -19.40
CA PRO A 127 -1.78 -15.82 -18.48
C PRO A 127 -1.48 -17.06 -17.66
N GLU A 128 -0.22 -17.25 -17.33
CA GLU A 128 0.26 -18.51 -16.77
C GLU A 128 0.15 -18.59 -15.25
N ASN A 129 0.35 -17.47 -14.56
CA ASN A 129 0.46 -17.46 -13.11
C ASN A 129 -0.66 -16.63 -12.52
N ASN A 130 -1.50 -17.26 -11.71
CA ASN A 130 -2.70 -16.65 -11.15
C ASN A 130 -2.36 -15.99 -9.82
N PHE A 131 -2.77 -14.74 -9.63
CA PHE A 131 -2.80 -14.19 -8.28
C PHE A 131 -4.23 -13.81 -7.91
N LYS A 132 -4.58 -14.08 -6.66
CA LYS A 132 -5.96 -13.97 -6.19
C LYS A 132 -6.26 -12.61 -5.62
N ASP A 133 -5.24 -11.82 -5.33
CA ASP A 133 -5.44 -10.50 -4.75
C ASP A 133 -4.31 -9.61 -5.24
N SER A 134 -3.08 -9.99 -4.94
CA SER A 134 -1.93 -9.21 -5.41
C SER A 134 -0.73 -10.11 -5.53
N VAL A 135 0.29 -9.61 -6.22
CA VAL A 135 1.56 -10.30 -6.34
C VAL A 135 2.64 -9.24 -6.35
N VAL A 136 3.76 -9.56 -5.72
CA VAL A 136 4.94 -8.71 -5.71
C VAL A 136 5.92 -9.26 -6.72
N LEU A 137 6.33 -8.44 -7.67
CA LEU A 137 7.24 -8.83 -8.73
C LEU A 137 8.51 -8.00 -8.64
N LYS A 138 9.63 -8.59 -9.06
CA LYS A 138 10.93 -7.97 -8.86
C LYS A 138 11.65 -7.81 -10.19
N ALA A 139 12.32 -6.67 -10.33
CA ALA A 139 13.33 -6.45 -11.36
C ALA A 139 14.55 -5.89 -10.65
N GLY A 140 15.66 -6.62 -10.72
CA GLY A 140 16.81 -6.25 -9.89
C GLY A 140 16.34 -6.15 -8.44
N HIS A 141 16.67 -5.03 -7.81
CA HIS A 141 16.26 -4.79 -6.43
C HIS A 141 14.89 -4.13 -6.30
N LYS A 142 14.28 -3.75 -7.42
CA LYS A 142 13.04 -3.00 -7.39
C LYS A 142 11.85 -3.96 -7.29
N LYS A 143 10.86 -3.57 -6.50
CA LYS A 143 9.64 -4.35 -6.33
C LYS A 143 8.47 -3.59 -6.92
N ALA A 144 7.62 -4.30 -7.64
CA ALA A 144 6.39 -3.74 -8.18
C ALA A 144 5.25 -4.58 -7.66
N ILE A 145 4.16 -3.93 -7.30
CA ILE A 145 2.95 -4.62 -6.87
C ILE A 145 1.96 -4.59 -8.02
N ALA A 146 1.38 -5.75 -8.34
CA ALA A 146 0.22 -5.84 -9.19
C ALA A 146 -0.93 -6.25 -8.30
N LYS A 147 -2.03 -5.51 -8.33
CA LYS A 147 -3.06 -5.73 -7.33
C LYS A 147 -4.46 -5.43 -7.89
N PHE A 148 -5.41 -6.28 -7.52
CA PHE A 148 -6.82 -6.05 -7.79
C PHE A 148 -7.44 -5.25 -6.65
N PHE A 149 -8.03 -4.10 -6.99
CA PHE A 149 -8.71 -3.24 -6.01
C PHE A 149 -10.22 -3.29 -6.11
N GLY A 150 -10.77 -3.97 -7.10
CA GLY A 150 -12.20 -3.97 -7.36
C GLY A 150 -12.50 -3.73 -8.82
N GLU A 151 -13.79 -3.89 -9.15
CA GLU A 151 -14.21 -3.83 -10.53
C GLU A 151 -14.31 -2.38 -11.00
N GLY A 152 -14.19 -2.18 -12.32
CA GLY A 152 -14.40 -0.86 -12.87
C GLY A 152 -14.53 -0.87 -14.38
N HIS A 153 -13.44 -0.53 -15.07
CA HIS A 153 -13.40 -0.68 -16.51
C HIS A 153 -13.76 -2.10 -16.93
N THR A 154 -13.24 -3.09 -16.22
CA THR A 154 -13.68 -4.47 -16.38
C THR A 154 -13.78 -5.08 -14.98
N LYS A 155 -14.27 -6.34 -14.93
CA LYS A 155 -14.34 -7.06 -13.67
C LYS A 155 -12.97 -7.50 -13.17
N ASP A 156 -11.95 -7.48 -14.03
CA ASP A 156 -10.67 -8.08 -13.72
C ASP A 156 -9.54 -7.08 -13.65
N ASN A 157 -9.81 -5.79 -13.83
CA ASN A 157 -8.71 -4.86 -14.05
C ASN A 157 -7.87 -4.70 -12.79
N VAL A 158 -6.54 -4.66 -12.97
CA VAL A 158 -5.61 -4.51 -11.87
C VAL A 158 -4.71 -3.33 -12.19
N VAL A 159 -4.03 -2.86 -11.16
CA VAL A 159 -3.04 -1.78 -11.32
C VAL A 159 -1.68 -2.30 -10.93
N GLY A 160 -0.65 -1.57 -11.34
CA GLY A 160 0.71 -1.85 -10.94
C GLY A 160 1.27 -0.63 -10.23
N TYR A 161 2.04 -0.87 -9.18
CA TYR A 161 2.63 0.23 -8.42
C TYR A 161 4.10 -0.02 -8.19
N LEU A 162 4.94 0.97 -8.54
CA LEU A 162 6.38 0.92 -8.27
C LEU A 162 6.66 1.85 -7.10
N SER A 163 6.97 1.27 -5.93
CA SER A 163 7.03 2.09 -4.72
C SER A 163 8.23 3.04 -4.75
N GLU A 164 9.38 2.56 -5.23
CA GLU A 164 10.57 3.40 -5.17
C GLU A 164 10.36 4.69 -5.95
N GLU A 165 9.71 4.60 -7.11
CA GLU A 165 9.53 5.75 -7.97
C GLU A 165 8.14 6.37 -7.88
N HIS A 166 7.25 5.80 -7.06
CA HIS A 166 5.91 6.35 -6.85
C HIS A 166 5.14 6.45 -8.17
N ILE A 167 5.26 5.42 -9.00
CA ILE A 167 4.59 5.37 -10.30
C ILE A 167 3.46 4.36 -10.21
N LEU A 168 2.25 4.82 -10.54
CA LEU A 168 1.07 3.97 -10.61
C LEU A 168 0.75 3.74 -12.08
N PHE A 169 0.82 2.50 -12.53
CA PHE A 169 0.25 2.17 -13.84
C PHE A 169 -1.21 1.83 -13.57
N GLY A 170 -2.10 2.75 -13.90
CA GLY A 170 -3.51 2.51 -13.60
C GLY A 170 -4.22 1.62 -14.58
N GLY A 171 -3.63 1.39 -15.75
CA GLY A 171 -4.30 0.62 -16.78
C GLY A 171 -5.60 1.31 -17.19
N CYS A 172 -6.50 0.52 -17.76
CA CYS A 172 -7.70 1.14 -18.31
C CYS A 172 -8.73 1.50 -17.24
N LEU A 173 -8.47 1.11 -15.99
CA LEU A 173 -9.22 1.62 -14.85
C LEU A 173 -9.05 3.11 -14.67
N LEU A 174 -7.91 3.66 -15.13
CA LEU A 174 -7.62 5.07 -15.00
C LEU A 174 -7.83 5.78 -16.32
N LYS A 175 -8.48 6.93 -16.28
CA LYS A 175 -8.68 7.79 -17.44
C LYS A 175 -7.67 8.93 -17.45
N GLU A 176 -7.30 9.37 -18.65
CA GLU A 176 -6.55 10.62 -18.76
C GLU A 176 -7.48 11.80 -18.45
N LEU A 177 -6.88 12.91 -18.03
CA LEU A 177 -7.64 14.12 -17.77
C LEU A 177 -8.51 14.48 -18.97
N GLU A 178 -9.78 14.80 -18.71
N GLU A 178 -9.78 14.78 -18.69
CA GLU A 178 -10.75 15.23 -19.70
CA GLU A 178 -10.79 15.21 -19.66
C GLU A 178 -11.26 14.08 -20.58
C GLU A 178 -11.20 14.09 -20.61
N ALA A 179 -10.88 12.85 -20.27
CA ALA A 179 -11.33 11.72 -21.08
C ALA A 179 -12.82 11.48 -20.92
N GLY A 180 -13.44 10.95 -21.97
CA GLY A 180 -14.78 10.42 -21.87
C GLY A 180 -14.77 9.07 -21.18
N LYS A 181 -15.98 8.51 -21.00
CA LYS A 181 -16.08 7.25 -20.27
C LYS A 181 -15.55 6.07 -21.08
N GLY A 182 -15.53 6.17 -22.40
CA GLY A 182 -14.95 5.10 -23.20
C GLY A 182 -15.86 3.89 -23.30
N TYR A 183 -15.26 2.73 -23.56
CA TYR A 183 -16.03 1.51 -23.79
C TYR A 183 -16.50 0.91 -22.47
N LEU A 184 -17.81 0.72 -22.32
CA LEU A 184 -18.40 0.27 -21.06
C LEU A 184 -19.02 -1.12 -21.15
N GLY A 185 -18.89 -1.81 -22.28
CA GLY A 185 -19.52 -3.11 -22.41
C GLY A 185 -19.17 -4.06 -21.28
N ASP A 186 -17.93 -4.03 -20.81
CA ASP A 186 -17.47 -4.96 -19.80
C ASP A 186 -17.31 -4.32 -18.43
N ALA A 187 -17.75 -3.08 -18.27
CA ALA A 187 -17.47 -2.28 -17.09
C ALA A 187 -18.47 -2.51 -15.97
N ASN A 188 -18.06 -2.18 -14.76
CA ASN A 188 -18.96 -2.10 -13.61
C ASN A 188 -18.95 -0.62 -13.19
N VAL A 189 -19.93 0.14 -13.68
CA VAL A 189 -19.93 1.58 -13.38
C VAL A 189 -20.47 1.88 -12.00
N SER A 190 -21.08 0.90 -11.33
CA SER A 190 -21.48 1.09 -9.94
C SER A 190 -20.30 0.98 -8.99
N ALA A 191 -19.25 0.25 -9.40
CA ALA A 191 -18.08 0.03 -8.56
C ALA A 191 -16.89 0.90 -8.93
N TRP A 192 -16.86 1.44 -10.15
CA TRP A 192 -15.65 2.06 -10.69
C TRP A 192 -15.07 3.12 -9.75
N SER A 193 -15.87 4.11 -9.37
CA SER A 193 -15.35 5.20 -8.53
C SER A 193 -14.85 4.67 -7.19
N ASN A 194 -15.62 3.78 -6.56
N ASN A 194 -15.61 3.76 -6.58
CA ASN A 194 -15.19 3.21 -5.29
CA ASN A 194 -15.21 3.19 -5.30
C ASN A 194 -13.85 2.51 -5.43
C ASN A 194 -13.89 2.45 -5.40
N THR A 195 -13.69 1.73 -6.50
CA THR A 195 -12.42 1.04 -6.72
C THR A 195 -11.26 2.02 -6.82
N VAL A 196 -11.44 3.10 -7.58
CA VAL A 196 -10.33 4.04 -7.75
C VAL A 196 -10.10 4.83 -6.47
N GLU A 197 -11.15 5.08 -5.68
CA GLU A 197 -10.94 5.70 -4.38
C GLU A 197 -10.07 4.82 -3.48
N LYS A 198 -10.24 3.50 -3.56
CA LYS A 198 -9.38 2.62 -2.79
C LYS A 198 -7.95 2.68 -3.29
N VAL A 199 -7.76 2.78 -4.61
CA VAL A 199 -6.41 2.93 -5.14
C VAL A 199 -5.79 4.22 -4.62
N LYS A 200 -6.55 5.31 -4.66
CA LYS A 200 -6.02 6.59 -4.23
C LYS A 200 -5.59 6.54 -2.76
N LYS A 201 -6.34 5.83 -1.92
CA LYS A 201 -6.01 5.76 -0.50
C LYS A 201 -4.83 4.83 -0.21
N GLU A 202 -4.59 3.84 -1.07
CA GLU A 202 -3.51 2.90 -0.83
C GLU A 202 -2.15 3.44 -1.24
N TYR A 203 -2.11 4.38 -2.20
CA TYR A 203 -0.85 4.92 -2.72
C TYR A 203 -0.82 6.43 -2.54
N PRO A 204 -0.85 6.91 -1.30
CA PRO A 204 -0.98 8.35 -1.08
C PRO A 204 0.24 9.16 -1.50
N ASP A 205 1.38 8.52 -1.72
CA ASP A 205 2.61 9.20 -2.15
C ASP A 205 2.77 9.17 -3.66
N VAL A 206 1.76 8.70 -4.40
CA VAL A 206 1.91 8.54 -5.83
C VAL A 206 2.30 9.86 -6.47
N LYS A 207 3.27 9.80 -7.39
CA LYS A 207 3.75 10.97 -8.12
C LYS A 207 3.35 10.95 -9.58
N ILE A 208 3.28 9.77 -10.18
CA ILE A 208 2.96 9.60 -11.60
C ILE A 208 1.83 8.59 -11.72
N VAL A 209 0.81 8.93 -12.49
CA VAL A 209 -0.31 8.04 -12.78
C VAL A 209 -0.39 7.87 -14.29
N ILE A 210 -0.35 6.64 -14.76
CA ILE A 210 -0.40 6.32 -16.19
C ILE A 210 -1.77 5.72 -16.51
N PRO A 211 -2.56 6.33 -17.39
CA PRO A 211 -3.84 5.74 -17.80
C PRO A 211 -3.62 4.74 -18.94
N GLY A 212 -4.65 3.90 -19.15
CA GLY A 212 -4.57 2.94 -20.24
C GLY A 212 -4.51 3.58 -21.61
N HIS A 213 -5.06 4.79 -21.74
CA HIS A 213 -5.07 5.51 -23.00
C HIS A 213 -4.82 6.98 -22.73
N GLY A 214 -3.90 7.57 -23.48
CA GLY A 214 -3.70 9.00 -23.45
C GLY A 214 -2.57 9.41 -22.52
N GLU A 215 -2.62 10.69 -22.14
CA GLU A 215 -1.48 11.35 -21.54
C GLU A 215 -1.38 11.07 -20.04
N TYR A 216 -0.17 10.75 -19.57
CA TYR A 216 -0.03 10.50 -18.14
C TYR A 216 -0.05 11.81 -17.38
N GLY A 217 -0.09 11.71 -16.06
CA GLY A 217 -0.19 12.88 -15.21
C GLY A 217 0.18 12.52 -13.80
N ASP A 218 -0.35 13.26 -12.82
CA ASP A 218 -0.08 12.98 -11.41
C ASP A 218 -1.36 12.48 -10.75
N GLN A 219 -1.49 12.68 -9.44
CA GLN A 219 -2.64 12.15 -8.71
C GLN A 219 -3.96 12.69 -9.25
N LYS A 220 -3.94 13.83 -9.96
CA LYS A 220 -5.18 14.37 -10.48
C LYS A 220 -5.93 13.36 -11.34
N LEU A 221 -5.23 12.41 -11.97
CA LEU A 221 -5.94 11.45 -12.81
C LEU A 221 -6.82 10.52 -11.98
N LEU A 222 -6.41 10.22 -10.75
CA LEU A 222 -7.29 9.47 -9.86
C LEU A 222 -8.55 10.28 -9.58
N ASP A 223 -8.38 11.52 -9.11
CA ASP A 223 -9.53 12.37 -8.83
C ASP A 223 -10.44 12.49 -10.04
N TYR A 224 -9.86 12.71 -11.22
CA TYR A 224 -10.67 12.88 -12.42
C TYR A 224 -11.50 11.64 -12.69
N THR A 225 -10.87 10.46 -12.59
CA THR A 225 -11.57 9.22 -12.87
C THR A 225 -12.65 8.94 -11.82
N ILE A 226 -12.32 9.15 -10.54
CA ILE A 226 -13.30 8.96 -9.48
C ILE A 226 -14.55 9.77 -9.75
N ASN A 227 -14.39 11.04 -10.16
CA ASN A 227 -15.56 11.88 -10.34
C ASN A 227 -16.28 11.60 -11.64
N LEU A 228 -15.55 11.15 -12.67
CA LEU A 228 -16.18 10.86 -13.95
C LEU A 228 -17.27 9.81 -13.79
N PHE A 229 -17.05 8.83 -12.91
CA PHE A 229 -17.93 7.69 -12.79
C PHE A 229 -18.80 7.72 -11.55
N LYS A 230 -18.77 8.79 -10.77
CA LYS A 230 -19.70 8.91 -9.66
C LYS A 230 -21.12 8.84 -10.20
N THR A 231 -21.94 8.02 -9.56
CA THR A 231 -23.27 7.70 -10.07
C THR A 231 -24.30 8.74 -9.66
N PHE B 8 20.17 4.57 9.41
CA PHE B 8 20.08 5.42 10.61
C PHE B 8 20.35 4.61 11.88
N LYS B 9 21.18 5.17 12.77
CA LYS B 9 21.51 4.53 14.03
C LYS B 9 20.51 4.92 15.11
N ALA B 10 19.76 3.94 15.62
CA ALA B 10 18.71 4.21 16.60
C ALA B 10 19.32 4.66 17.92
N LYS B 11 18.59 5.52 18.64
CA LYS B 11 19.10 6.10 19.87
C LYS B 11 17.95 6.42 20.82
N GLU B 12 18.16 6.11 22.09
CA GLU B 12 17.27 6.54 23.15
C GLU B 12 17.48 8.03 23.36
N VAL B 13 16.47 8.85 23.04
CA VAL B 13 16.58 10.30 23.17
C VAL B 13 15.85 10.84 24.40
N TYR B 14 15.09 10.01 25.11
CA TYR B 14 14.35 10.46 26.28
C TYR B 14 14.12 9.25 27.17
N ASN B 15 14.36 9.39 28.47
CA ASN B 15 14.10 8.27 29.39
C ASN B 15 13.77 8.82 30.76
N SER B 16 12.49 8.75 31.13
CA SER B 16 12.03 9.19 32.45
C SER B 16 11.69 8.02 33.35
N SER B 17 11.95 6.79 32.91
CA SER B 17 11.55 5.59 33.65
C SER B 17 10.07 5.28 33.41
N GLU B 18 9.22 6.30 33.35
CA GLU B 18 7.85 6.04 32.94
C GLU B 18 7.65 6.15 31.45
N LEU B 19 8.54 6.82 30.73
CA LEU B 19 8.42 6.98 29.29
C LEU B 19 9.80 6.96 28.66
N ILE B 20 10.00 6.05 27.71
CA ILE B 20 11.24 5.93 26.96
C ILE B 20 10.94 6.22 25.51
N ILE B 21 11.72 7.10 24.89
CA ILE B 21 11.53 7.47 23.50
C ILE B 21 12.79 7.08 22.73
N THR B 22 12.63 6.26 21.70
CA THR B 22 13.74 5.77 20.90
C THR B 22 13.58 6.29 19.48
N GLN B 23 14.54 7.10 19.03
CA GLN B 23 14.51 7.61 17.66
C GLN B 23 15.01 6.54 16.70
N ILE B 24 14.20 6.23 15.69
CA ILE B 24 14.54 5.20 14.72
C ILE B 24 14.73 5.75 13.32
N SER B 25 14.41 7.01 13.09
CA SER B 25 14.75 7.71 11.86
C SER B 25 14.71 9.21 12.15
N GLU B 26 15.07 10.02 11.16
CA GLU B 26 15.02 11.47 11.34
C GLU B 26 13.62 11.94 11.77
N ASN B 27 12.57 11.26 11.34
CA ASN B 27 11.21 11.72 11.55
C ASN B 27 10.38 10.79 12.43
N ALA B 28 10.94 9.67 12.91
CA ALA B 28 10.13 8.64 13.54
C ALA B 28 10.73 8.20 14.87
N PHE B 29 9.86 7.99 15.86
CA PHE B 29 10.27 7.64 17.21
C PHE B 29 9.33 6.57 17.75
N VAL B 30 9.89 5.57 18.43
CA VAL B 30 9.07 4.66 19.23
C VAL B 30 8.89 5.27 20.61
N HIS B 31 7.65 5.30 21.12
CA HIS B 31 7.44 5.65 22.50
C HIS B 31 7.07 4.38 23.28
N THR B 32 7.66 4.24 24.47
CA THR B 32 7.48 3.04 25.27
C THR B 32 7.08 3.44 26.68
N SER B 33 5.99 2.87 27.15
CA SER B 33 5.51 3.08 28.52
C SER B 33 5.23 1.71 29.13
N PHE B 34 4.84 1.68 30.40
CA PHE B 34 4.84 0.42 31.13
C PHE B 34 3.52 0.19 31.84
N LYS B 35 3.00 -1.02 31.68
CA LYS B 35 1.75 -1.45 32.32
C LYS B 35 2.08 -2.49 33.37
N GLN B 36 1.67 -2.23 34.61
CA GLN B 36 1.83 -3.23 35.65
C GLN B 36 0.74 -4.27 35.51
N THR B 37 1.12 -5.54 35.60
CA THR B 37 0.20 -6.64 35.39
C THR B 37 0.36 -7.66 36.51
N ASN B 38 -0.69 -8.44 36.72
CA ASN B 38 -0.64 -9.51 37.70
C ASN B 38 0.29 -10.62 37.24
N ASP B 39 -0.10 -11.32 36.17
CA ASP B 39 0.64 -12.50 35.73
C ASP B 39 1.31 -12.24 34.38
N PHE B 40 2.06 -11.13 34.28
CA PHE B 40 2.86 -10.84 33.10
C PHE B 40 4.01 -9.90 33.46
N GLY B 41 4.03 -9.42 34.71
CA GLY B 41 5.03 -8.46 35.15
C GLY B 41 4.76 -7.06 34.65
N ASN B 42 5.74 -6.19 34.83
CA ASN B 42 5.67 -4.84 34.28
C ASN B 42 6.01 -4.92 32.80
N VAL B 43 5.04 -4.63 31.95
CA VAL B 43 5.10 -4.95 30.53
C VAL B 43 5.36 -3.68 29.74
N PRO B 44 6.39 -3.63 28.90
CA PRO B 44 6.59 -2.45 28.06
C PRO B 44 5.61 -2.46 26.89
N CYS B 45 5.18 -1.25 26.52
CA CYS B 45 4.12 -1.03 25.54
C CYS B 45 4.58 0.06 24.57
N ASN B 46 4.61 -0.26 23.28
CA ASN B 46 5.17 0.63 22.27
C ASN B 46 4.08 1.38 21.50
N GLY B 47 4.44 2.56 21.03
CA GLY B 47 3.69 3.28 20.01
C GLY B 47 4.66 3.97 19.09
N LEU B 48 4.16 4.78 18.16
CA LEU B 48 5.01 5.42 17.16
C LEU B 48 4.68 6.90 17.07
N VAL B 49 5.70 7.76 17.06
CA VAL B 49 5.55 9.18 16.77
C VAL B 49 6.19 9.45 15.41
N VAL B 50 5.44 10.12 14.53
CA VAL B 50 5.98 10.64 13.28
C VAL B 50 5.91 12.15 13.35
N LYS B 51 6.98 12.84 12.95
CA LYS B 51 6.93 14.29 12.94
C LYS B 51 7.60 14.83 11.69
N SER B 52 7.06 15.95 11.18
CA SER B 52 7.62 16.64 10.03
C SER B 52 7.03 18.04 10.01
N ASN B 53 7.87 19.03 9.75
CA ASN B 53 7.38 20.39 9.56
C ASN B 53 6.56 20.86 10.77
N ASN B 54 7.01 20.51 11.97
CA ASN B 54 6.40 20.97 13.22
C ASN B 54 4.96 20.45 13.38
N GLU B 55 4.69 19.31 12.77
CA GLU B 55 3.43 18.58 12.95
C GLU B 55 3.75 17.12 13.25
N ALA B 56 2.87 16.46 13.99
CA ALA B 56 3.15 15.09 14.39
C ALA B 56 1.88 14.25 14.31
N LEU B 57 2.10 12.95 14.17
CA LEU B 57 1.06 11.93 14.31
C LEU B 57 1.51 10.97 15.39
N VAL B 58 0.56 10.41 16.14
CA VAL B 58 0.89 9.47 17.20
C VAL B 58 0.07 8.22 17.00
N PHE B 59 0.73 7.08 16.85
CA PHE B 59 0.09 5.78 16.85
C PHE B 59 0.21 5.22 18.25
N ASP B 60 -0.94 4.92 18.88
CA ASP B 60 -1.08 4.42 20.24
C ASP B 60 -0.83 5.48 21.29
N THR B 61 -1.72 5.53 22.26
CA THR B 61 -1.43 6.30 23.45
C THR B 61 -0.51 5.50 24.37
N PRO B 62 0.37 6.17 25.11
CA PRO B 62 0.96 5.54 26.29
C PRO B 62 -0.12 4.94 27.17
N VAL B 63 0.26 4.10 28.12
CA VAL B 63 -0.71 3.24 28.80
C VAL B 63 -1.70 4.00 29.68
N ASN B 64 -1.40 5.21 30.12
CA ASN B 64 -2.34 5.94 30.97
C ASN B 64 -2.26 7.44 30.67
N ASP B 65 -3.15 8.20 31.31
CA ASP B 65 -3.23 9.64 31.01
C ASP B 65 -1.94 10.35 31.41
N LYS B 66 -1.36 9.98 32.55
N LYS B 66 -1.35 9.97 32.55
CA LYS B 66 -0.17 10.68 33.04
CA LYS B 66 -0.17 10.66 33.04
C LYS B 66 0.97 10.59 32.02
C LYS B 66 0.97 10.57 32.03
N THR B 67 1.25 9.38 31.53
N THR B 67 1.24 9.38 31.52
CA THR B 67 2.34 9.23 30.58
CA THR B 67 2.33 9.24 30.58
C THR B 67 1.96 9.74 29.18
C THR B 67 1.95 9.80 29.21
N SER B 68 0.66 9.81 28.87
CA SER B 68 0.25 10.47 27.64
C SER B 68 0.52 11.97 27.71
N GLU B 69 0.19 12.59 28.86
CA GLU B 69 0.53 14.00 29.05
C GLU B 69 2.02 14.21 28.88
N GLU B 70 2.84 13.29 29.42
CA GLU B 70 4.28 13.42 29.33
C GLU B 70 4.75 13.34 27.88
N LEU B 71 4.18 12.43 27.10
CA LEU B 71 4.53 12.34 25.69
C LEU B 71 4.10 13.60 24.94
N ILE B 72 2.88 14.07 25.19
CA ILE B 72 2.39 15.27 24.52
C ILE B 72 3.28 16.46 24.81
N LYS B 73 3.67 16.62 26.08
CA LYS B 73 4.57 17.72 26.44
C LYS B 73 5.89 17.63 25.68
N TRP B 74 6.42 16.42 25.51
CA TRP B 74 7.68 16.25 24.80
C TRP B 74 7.52 16.55 23.31
N ILE B 75 6.43 16.08 22.70
CA ILE B 75 6.22 16.37 21.28
C ILE B 75 6.07 17.87 21.07
N ASN B 76 5.27 18.53 21.91
CA ASN B 76 5.07 19.97 21.77
C ASN B 76 6.33 20.75 22.09
N GLY B 77 7.06 20.32 23.12
CA GLY B 77 8.12 21.15 23.67
C GLY B 77 9.50 20.88 23.13
N THR B 78 9.78 19.61 22.81
CA THR B 78 11.10 19.23 22.33
C THR B 78 11.11 18.92 20.85
N LEU B 79 10.03 18.39 20.28
CA LEU B 79 9.89 18.31 18.83
C LEU B 79 9.21 19.55 18.25
N HIS B 80 8.76 20.47 19.10
CA HIS B 80 8.16 21.73 18.64
C HIS B 80 7.03 21.48 17.65
N SER B 81 6.24 20.43 17.90
CA SER B 81 5.28 19.99 16.92
C SER B 81 3.89 19.93 17.51
N LYS B 82 2.91 20.41 16.75
CA LYS B 82 1.52 20.14 17.11
C LYS B 82 1.16 18.74 16.67
N ILE B 83 0.24 18.12 17.40
CA ILE B 83 -0.15 16.73 17.12
C ILE B 83 -1.44 16.78 16.32
N ASN B 84 -1.37 16.36 15.05
CA ASN B 84 -2.51 16.45 14.18
C ASN B 84 -3.54 15.39 14.49
N ALA B 85 -3.10 14.25 15.03
CA ALA B 85 -4.02 13.14 15.24
C ALA B 85 -3.32 12.10 16.11
N VAL B 86 -4.12 11.38 16.88
CA VAL B 86 -3.68 10.19 17.59
C VAL B 86 -4.53 9.03 17.11
N VAL B 87 -3.90 7.87 16.92
CA VAL B 87 -4.57 6.68 16.40
C VAL B 87 -4.34 5.54 17.38
N PRO B 88 -5.29 5.22 18.25
CA PRO B 88 -5.16 4.01 19.09
C PRO B 88 -5.36 2.78 18.20
N THR B 89 -4.36 1.90 18.15
CA THR B 89 -4.44 0.84 17.14
C THR B 89 -5.33 -0.32 17.59
N HIS B 90 -5.72 -0.36 18.86
CA HIS B 90 -6.84 -1.22 19.27
C HIS B 90 -7.33 -0.72 20.62
N PHE B 91 -8.40 -1.34 21.12
CA PHE B 91 -9.14 -0.75 22.24
C PHE B 91 -8.51 -1.03 23.60
N HIS B 92 -7.55 -1.95 23.70
CA HIS B 92 -6.95 -2.25 24.99
C HIS B 92 -6.18 -1.03 25.52
N ASP B 93 -5.97 -1.00 26.84
CA ASP B 93 -5.39 0.20 27.43
C ASP B 93 -3.94 0.43 26.98
N ASP B 94 -3.23 -0.60 26.54
CA ASP B 94 -1.87 -0.29 26.09
C ASP B 94 -1.81 0.32 24.70
N SER B 95 -2.96 0.50 24.02
CA SER B 95 -3.03 1.37 22.86
C SER B 95 -3.93 2.58 23.04
N MET B 96 -4.84 2.56 24.03
CA MET B 96 -5.86 3.58 24.11
C MET B 96 -6.06 4.10 25.53
N GLY B 97 -5.30 3.60 26.51
CA GLY B 97 -5.58 3.93 27.90
C GLY B 97 -5.39 5.39 28.26
N GLY B 98 -4.60 6.13 27.48
CA GLY B 98 -4.39 7.55 27.73
C GLY B 98 -5.09 8.45 26.73
N LEU B 99 -6.14 7.94 26.09
CA LEU B 99 -6.77 8.71 25.04
C LEU B 99 -7.38 9.99 25.58
N GLN B 100 -7.92 9.97 26.81
CA GLN B 100 -8.55 11.16 27.35
C GLN B 100 -7.57 12.33 27.41
N ALA B 101 -6.31 12.06 27.74
CA ALA B 101 -5.31 13.12 27.77
C ALA B 101 -5.16 13.79 26.41
N PHE B 102 -5.19 12.99 25.34
CA PHE B 102 -5.16 13.56 24.01
C PHE B 102 -6.39 14.43 23.76
N HIS B 103 -7.58 13.94 24.11
CA HIS B 103 -8.78 14.75 23.97
C HIS B 103 -8.73 16.00 24.83
N ASN B 104 -8.09 15.93 26.00
CA ASN B 104 -7.99 17.13 26.83
C ASN B 104 -7.18 18.22 26.13
N HIS B 105 -6.23 17.83 25.27
CA HIS B 105 -5.46 18.76 24.46
C HIS B 105 -6.13 19.07 23.13
N HIS B 106 -7.37 18.61 22.92
CA HIS B 106 -8.12 18.85 21.69
C HIS B 106 -7.41 18.25 20.49
N ILE B 107 -6.70 17.14 20.69
CA ILE B 107 -6.07 16.40 19.62
C ILE B 107 -7.09 15.44 19.02
N PRO B 108 -7.39 15.53 17.72
CA PRO B 108 -8.35 14.60 17.11
C PRO B 108 -7.88 13.17 17.19
N SER B 109 -8.80 12.25 17.47
CA SER B 109 -8.48 10.83 17.49
C SER B 109 -9.15 10.14 16.30
N TYR B 110 -8.43 9.19 15.71
CA TYR B 110 -8.91 8.39 14.59
C TYR B 110 -8.78 6.92 14.95
N ALA B 111 -9.81 6.13 14.67
CA ALA B 111 -9.74 4.71 14.95
C ALA B 111 -10.64 3.95 14.00
N TYR B 112 -10.34 2.68 13.83
CA TYR B 112 -11.17 1.77 13.05
C TYR B 112 -12.56 1.67 13.69
N SER B 113 -13.56 1.44 12.85
N SER B 113 -13.56 1.44 12.85
CA SER B 113 -14.94 1.35 13.33
CA SER B 113 -14.94 1.37 13.34
C SER B 113 -15.05 0.43 14.53
C SER B 113 -15.07 0.42 14.52
N LYS B 114 -14.42 -0.74 14.45
CA LYS B 114 -14.60 -1.73 15.51
C LYS B 114 -13.93 -1.29 16.81
N THR B 115 -12.84 -0.53 16.72
CA THR B 115 -12.26 0.03 17.94
C THR B 115 -13.25 0.92 18.66
N ILE B 116 -13.98 1.74 17.91
CA ILE B 116 -14.96 2.62 18.51
C ILE B 116 -16.09 1.81 19.13
N GLU B 117 -16.54 0.77 18.42
CA GLU B 117 -17.57 -0.12 18.96
C GLU B 117 -17.12 -0.77 20.26
N LEU B 118 -15.89 -1.29 20.29
CA LEU B 118 -15.43 -1.98 21.49
C LEU B 118 -15.09 -1.01 22.61
N ALA B 119 -14.65 0.20 22.28
CA ALA B 119 -14.46 1.20 23.33
C ALA B 119 -15.78 1.42 24.06
N LYS B 120 -16.86 1.63 23.31
CA LYS B 120 -18.17 1.85 23.93
C LYS B 120 -18.63 0.61 24.70
N GLU B 121 -18.43 -0.58 24.12
N GLU B 121 -18.44 -0.57 24.12
CA GLU B 121 -18.84 -1.80 24.79
CA GLU B 121 -18.84 -1.81 24.81
C GLU B 121 -18.19 -1.91 26.17
C GLU B 121 -18.20 -1.90 26.18
N ASN B 122 -16.95 -1.45 26.29
CA ASN B 122 -16.17 -1.54 27.51
C ASN B 122 -16.19 -0.26 28.34
N ASN B 123 -16.97 0.74 27.93
CA ASN B 123 -17.01 2.02 28.62
C ASN B 123 -15.61 2.62 28.75
N PHE B 124 -14.84 2.53 27.68
CA PHE B 124 -13.56 3.23 27.56
C PHE B 124 -13.75 4.57 26.86
N THR B 125 -12.69 5.39 26.88
CA THR B 125 -12.69 6.61 26.11
C THR B 125 -12.90 6.28 24.63
N VAL B 126 -13.72 7.08 23.94
CA VAL B 126 -14.17 6.73 22.60
C VAL B 126 -13.42 7.57 21.56
N PRO B 127 -12.73 6.96 20.61
CA PRO B 127 -12.13 7.72 19.52
C PRO B 127 -13.18 8.48 18.73
N GLU B 128 -12.77 9.64 18.21
CA GLU B 128 -13.72 10.60 17.67
C GLU B 128 -14.03 10.39 16.19
N ASN B 129 -13.08 9.91 15.41
CA ASN B 129 -13.22 9.85 13.97
C ASN B 129 -13.04 8.41 13.51
N ASN B 130 -14.08 7.89 12.87
CA ASN B 130 -14.16 6.49 12.46
C ASN B 130 -13.63 6.34 11.04
N PHE B 131 -12.77 5.36 10.81
CA PHE B 131 -12.48 4.95 9.44
C PHE B 131 -12.89 3.50 9.28
N LYS B 132 -13.50 3.22 8.13
CA LYS B 132 -14.13 1.92 7.90
C LYS B 132 -13.17 0.90 7.33
N ASP B 133 -12.00 1.34 6.85
CA ASP B 133 -11.04 0.41 6.27
C ASP B 133 -9.63 0.97 6.46
N SER B 134 -9.40 2.16 5.95
CA SER B 134 -8.10 2.82 6.15
C SER B 134 -8.31 4.33 6.12
N VAL B 135 -7.29 5.05 6.58
CA VAL B 135 -7.27 6.51 6.46
C VAL B 135 -5.84 6.93 6.23
N VAL B 136 -5.67 7.94 5.38
CA VAL B 136 -4.36 8.58 5.18
C VAL B 136 -4.28 9.80 6.09
N LEU B 137 -3.25 9.86 6.93
CA LEU B 137 -3.07 10.97 7.85
C LEU B 137 -1.76 11.68 7.49
N LYS B 138 -1.73 12.99 7.72
CA LYS B 138 -0.59 13.80 7.32
C LYS B 138 0.09 14.40 8.54
N ALA B 139 1.42 14.48 8.46
CA ALA B 139 2.22 15.29 9.37
C ALA B 139 3.14 16.10 8.47
N GLY B 140 2.88 17.39 8.34
CA GLY B 140 3.62 18.17 7.37
C GLY B 140 3.47 17.54 6.00
N HIS B 141 4.60 17.37 5.30
N HIS B 141 4.61 17.38 5.31
CA HIS B 141 4.56 16.73 4.00
CA HIS B 141 4.62 16.74 4.00
C HIS B 141 4.45 15.21 4.08
C HIS B 141 4.63 15.21 4.07
N LYS B 142 4.65 14.62 5.26
CA LYS B 142 4.69 13.17 5.37
C LYS B 142 3.29 12.59 5.52
N LYS B 143 3.09 11.44 4.89
CA LYS B 143 1.83 10.72 4.95
C LYS B 143 2.01 9.39 5.66
N ALA B 144 1.03 9.04 6.47
CA ALA B 144 0.99 7.76 7.15
C ALA B 144 -0.37 7.13 6.88
N ILE B 145 -0.37 5.81 6.78
CA ILE B 145 -1.58 5.03 6.58
C ILE B 145 -1.91 4.32 7.88
N ALA B 146 -3.17 4.40 8.30
CA ALA B 146 -3.69 3.53 9.34
C ALA B 146 -4.72 2.63 8.70
N LYS B 147 -4.61 1.33 8.90
CA LYS B 147 -5.43 0.41 8.10
C LYS B 147 -5.76 -0.88 8.84
N PHE B 148 -6.99 -1.34 8.67
CA PHE B 148 -7.43 -2.63 9.17
C PHE B 148 -7.21 -3.71 8.11
N PHE B 149 -6.50 -4.77 8.47
CA PHE B 149 -6.23 -5.89 7.57
C PHE B 149 -6.97 -7.15 7.95
N GLY B 150 -7.68 -7.15 9.08
CA GLY B 150 -8.35 -8.34 9.56
C GLY B 150 -8.15 -8.51 11.06
N GLU B 151 -8.88 -9.46 11.64
CA GLU B 151 -8.80 -9.70 13.07
C GLU B 151 -7.53 -10.48 13.42
N GLY B 152 -7.14 -10.38 14.68
CA GLY B 152 -6.01 -11.16 15.16
C GLY B 152 -5.88 -11.04 16.66
N HIS B 153 -4.96 -10.19 17.12
CA HIS B 153 -4.85 -9.96 18.55
C HIS B 153 -6.18 -9.53 19.14
N THR B 154 -6.91 -8.68 18.41
CA THR B 154 -8.29 -8.33 18.73
C THR B 154 -9.07 -8.23 17.42
N LYS B 155 -10.40 -8.08 17.55
CA LYS B 155 -11.23 -7.92 16.36
C LYS B 155 -10.99 -6.59 15.65
N ASP B 156 -10.36 -5.62 16.33
CA ASP B 156 -10.30 -4.26 15.82
C ASP B 156 -8.90 -3.79 15.49
N ASN B 157 -7.87 -4.62 15.65
CA ASN B 157 -6.51 -4.10 15.60
C ASN B 157 -6.17 -3.61 14.21
N VAL B 158 -5.47 -2.47 14.16
CA VAL B 158 -5.03 -1.88 12.90
C VAL B 158 -3.53 -1.65 12.99
N VAL B 159 -2.92 -1.38 11.82
CA VAL B 159 -1.50 -1.08 11.74
C VAL B 159 -1.31 0.31 11.15
N GLY B 160 -0.13 0.87 11.35
CA GLY B 160 0.24 2.14 10.75
C GLY B 160 1.46 1.91 9.87
N TYR B 161 1.51 2.60 8.74
CA TYR B 161 2.66 2.45 7.85
C TYR B 161 3.16 3.81 7.39
N LEU B 162 4.47 4.02 7.53
CA LEU B 162 5.15 5.21 7.04
C LEU B 162 5.89 4.84 5.76
N SER B 163 5.41 5.34 4.62
CA SER B 163 5.89 4.83 3.34
C SER B 163 7.33 5.24 3.07
N GLU B 164 7.73 6.42 3.52
CA GLU B 164 9.02 6.94 3.06
C GLU B 164 10.18 6.32 3.83
N GLU B 165 10.00 6.02 5.11
CA GLU B 165 10.96 5.22 5.86
C GLU B 165 10.66 3.73 5.78
N HIS B 166 9.49 3.35 5.28
CA HIS B 166 9.05 1.96 5.27
C HIS B 166 9.07 1.39 6.69
N ILE B 167 8.41 2.10 7.59
CA ILE B 167 8.26 1.70 8.98
C ILE B 167 6.83 1.24 9.15
N LEU B 168 6.67 0.00 9.63
CA LEU B 168 5.37 -0.56 9.96
C LEU B 168 5.23 -0.55 11.47
N PHE B 169 4.25 0.21 11.99
CA PHE B 169 3.88 0.02 13.38
C PHE B 169 2.85 -1.10 13.39
N GLY B 170 3.26 -2.29 13.83
CA GLY B 170 2.34 -3.41 13.77
C GLY B 170 1.37 -3.49 14.92
N GLY B 171 1.62 -2.74 15.99
CA GLY B 171 0.77 -2.81 17.16
C GLY B 171 0.76 -4.22 17.71
N CYS B 172 -0.27 -4.51 18.50
CA CYS B 172 -0.27 -5.79 19.20
C CYS B 172 -0.63 -6.96 18.31
N LEU B 173 -1.02 -6.70 17.06
CA LEU B 173 -1.09 -7.73 16.04
C LEU B 173 0.27 -8.36 15.76
N LEU B 174 1.35 -7.60 15.95
CA LEU B 174 2.70 -8.08 15.71
C LEU B 174 3.39 -8.45 17.02
N LYS B 175 4.07 -9.60 17.00
CA LYS B 175 4.87 -10.06 18.11
C LYS B 175 6.35 -9.78 17.86
N GLU B 176 7.06 -9.46 18.94
CA GLU B 176 8.51 -9.46 18.87
C GLU B 176 9.02 -10.89 18.70
N LEU B 177 10.21 -11.01 18.14
CA LEU B 177 10.83 -12.32 17.95
C LEU B 177 10.89 -13.08 19.26
N GLU B 178 10.51 -14.36 19.23
N GLU B 178 10.48 -14.35 19.23
CA GLU B 178 10.55 -15.29 20.35
CA GLU B 178 10.56 -15.28 20.35
C GLU B 178 9.45 -15.03 21.38
C GLU B 178 9.42 -15.06 21.36
N ALA B 179 8.55 -14.09 21.14
CA ALA B 179 7.47 -13.84 22.08
C ALA B 179 6.48 -15.00 22.10
N GLY B 180 5.84 -15.19 23.25
CA GLY B 180 4.74 -16.12 23.35
C GLY B 180 3.49 -15.55 22.72
N LYS B 181 2.40 -16.32 22.78
CA LYS B 181 1.16 -15.85 22.16
C LYS B 181 0.53 -14.72 22.95
N GLY B 182 0.81 -14.62 24.25
CA GLY B 182 0.28 -13.51 25.04
C GLY B 182 -1.19 -13.68 25.38
N TYR B 183 -1.86 -12.54 25.60
CA TYR B 183 -3.26 -12.55 26.03
C TYR B 183 -4.17 -12.79 24.84
N LEU B 184 -4.98 -13.85 24.89
CA LEU B 184 -5.85 -14.24 23.78
C LEU B 184 -7.33 -14.06 24.09
N GLY B 185 -7.69 -13.49 25.23
CA GLY B 185 -9.10 -13.38 25.57
C GLY B 185 -9.91 -12.72 24.48
N ASP B 186 -9.35 -11.71 23.82
CA ASP B 186 -10.08 -10.96 22.81
C ASP B 186 -9.64 -11.29 21.39
N ALA B 187 -8.78 -12.29 21.23
CA ALA B 187 -8.15 -12.58 19.95
C ALA B 187 -9.01 -13.45 19.05
N ASN B 188 -8.74 -13.37 17.75
CA ASN B 188 -9.28 -14.30 16.76
C ASN B 188 -8.07 -15.09 16.22
N VAL B 189 -7.80 -16.24 16.83
CA VAL B 189 -6.62 -17.00 16.40
C VAL B 189 -6.85 -17.76 15.12
N SER B 190 -8.10 -17.86 14.65
CA SER B 190 -8.32 -18.44 13.34
C SER B 190 -7.90 -17.51 12.22
N ALA B 191 -7.97 -16.20 12.45
CA ALA B 191 -7.67 -15.20 11.43
C ALA B 191 -6.29 -14.59 11.55
N TRP B 192 -5.65 -14.72 12.71
CA TRP B 192 -4.47 -13.91 13.02
C TRP B 192 -3.38 -14.06 11.96
N SER B 193 -2.96 -15.30 11.67
CA SER B 193 -1.88 -15.48 10.71
C SER B 193 -2.27 -14.94 9.33
N ASN B 194 -3.48 -15.28 8.88
N ASN B 194 -3.49 -15.24 8.89
CA ASN B 194 -3.96 -14.75 7.60
CA ASN B 194 -3.93 -14.75 7.58
C ASN B 194 -3.88 -13.23 7.55
C ASN B 194 -3.93 -13.22 7.53
N THR B 195 -4.28 -12.57 8.65
CA THR B 195 -4.27 -11.11 8.67
C THR B 195 -2.84 -10.59 8.49
N VAL B 196 -1.89 -11.18 9.21
CA VAL B 196 -0.52 -10.69 9.11
C VAL B 196 0.09 -11.06 7.76
N GLU B 197 -0.35 -12.17 7.17
CA GLU B 197 0.07 -12.47 5.79
C GLU B 197 -0.35 -11.37 4.83
N LYS B 198 -1.56 -10.81 5.03
CA LYS B 198 -2.01 -9.73 4.16
C LYS B 198 -1.19 -8.46 4.40
N VAL B 199 -0.84 -8.19 5.65
CA VAL B 199 0.04 -7.07 5.96
C VAL B 199 1.38 -7.23 5.25
N LYS B 200 1.97 -8.43 5.36
CA LYS B 200 3.26 -8.68 4.73
C LYS B 200 3.19 -8.49 3.21
N LYS B 201 2.10 -8.95 2.60
CA LYS B 201 1.94 -8.82 1.14
C LYS B 201 1.82 -7.38 0.71
N GLU B 202 1.24 -6.53 1.56
CA GLU B 202 0.96 -5.16 1.16
C GLU B 202 2.17 -4.24 1.32
N TYR B 203 3.11 -4.59 2.19
CA TYR B 203 4.26 -3.73 2.49
C TYR B 203 5.57 -4.46 2.19
N PRO B 204 5.79 -4.84 0.93
CA PRO B 204 6.97 -5.65 0.60
C PRO B 204 8.28 -4.93 0.78
N ASP B 205 8.28 -3.61 0.88
CA ASP B 205 9.50 -2.84 1.08
C ASP B 205 9.74 -2.52 2.55
N VAL B 206 8.94 -3.07 3.46
CA VAL B 206 9.04 -2.72 4.88
C VAL B 206 10.49 -2.93 5.34
N LYS B 207 11.00 -1.96 6.10
CA LYS B 207 12.35 -2.03 6.64
C LYS B 207 12.38 -2.21 8.15
N ILE B 208 11.42 -1.64 8.86
CA ILE B 208 11.29 -1.74 10.32
C ILE B 208 9.87 -2.17 10.65
N VAL B 209 9.74 -3.17 11.53
CA VAL B 209 8.45 -3.61 12.06
C VAL B 209 8.49 -3.41 13.57
N ILE B 210 7.55 -2.65 14.09
CA ILE B 210 7.46 -2.37 15.53
C ILE B 210 6.33 -3.22 16.11
N PRO B 211 6.60 -4.10 17.07
CA PRO B 211 5.52 -4.83 17.74
C PRO B 211 4.91 -3.99 18.86
N GLY B 212 3.71 -4.38 19.29
CA GLY B 212 3.08 -3.69 20.40
C GLY B 212 3.85 -3.82 21.69
N HIS B 213 4.61 -4.90 21.85
CA HIS B 213 5.44 -5.15 23.03
C HIS B 213 6.79 -5.68 22.63
N GLY B 214 7.85 -5.06 23.15
CA GLY B 214 9.19 -5.60 22.98
C GLY B 214 9.98 -4.94 21.87
N GLU B 215 11.01 -5.65 21.43
N GLU B 215 11.01 -5.66 21.42
CA GLU B 215 12.02 -5.11 20.53
CA GLU B 215 12.02 -5.08 20.55
C GLU B 215 11.51 -5.06 19.09
C GLU B 215 11.55 -5.07 19.10
N TYR B 216 11.79 -3.96 18.42
CA TYR B 216 11.47 -3.88 17.00
C TYR B 216 12.53 -4.62 16.18
N GLY B 217 12.21 -4.84 14.92
CA GLY B 217 13.08 -5.59 14.04
C GLY B 217 12.73 -5.27 12.61
N ASP B 218 13.00 -6.21 11.72
CA ASP B 218 12.67 -6.03 10.32
C ASP B 218 11.51 -6.96 9.94
N GLN B 219 11.42 -7.30 8.66
CA GLN B 219 10.34 -8.13 8.16
C GLN B 219 10.24 -9.46 8.91
N LYS B 220 11.30 -9.90 9.58
CA LYS B 220 11.27 -11.18 10.29
C LYS B 220 10.14 -11.24 11.31
N LEU B 221 9.76 -10.09 11.89
CA LEU B 221 8.69 -10.12 12.88
C LEU B 221 7.36 -10.51 12.26
N LEU B 222 7.13 -10.15 11.00
CA LEU B 222 5.93 -10.60 10.30
C LEU B 222 5.94 -12.12 10.15
N ASP B 223 7.04 -12.66 9.63
CA ASP B 223 7.13 -14.11 9.47
C ASP B 223 6.98 -14.82 10.80
N TYR B 224 7.65 -14.33 11.84
CA TYR B 224 7.55 -14.95 13.15
C TYR B 224 6.11 -15.00 13.64
N THR B 225 5.39 -13.87 13.51
CA THR B 225 4.03 -13.82 14.01
C THR B 225 3.10 -14.72 13.20
N ILE B 226 3.28 -14.73 11.87
CA ILE B 226 2.50 -15.61 11.01
C ILE B 226 2.69 -17.06 11.45
N ASN B 227 3.95 -17.48 11.64
CA ASN B 227 4.21 -18.86 12.01
C ASN B 227 3.67 -19.17 13.40
N LEU B 228 3.85 -18.23 14.34
CA LEU B 228 3.41 -18.46 15.71
C LEU B 228 1.94 -18.84 15.79
N PHE B 229 1.10 -18.22 14.98
CA PHE B 229 -0.34 -18.44 15.10
C PHE B 229 -0.90 -19.37 14.03
N LYS B 230 -0.04 -20.11 13.34
CA LYS B 230 -0.57 -21.07 12.37
C LYS B 230 -1.38 -22.12 13.11
N THR B 231 -2.52 -22.47 12.52
CA THR B 231 -3.53 -23.26 13.21
C THR B 231 -3.31 -24.76 13.07
#